data_8A1P
#
_entry.id   8A1P
#
_cell.length_a   53.555
_cell.length_b   65.210
_cell.length_c   69.673
_cell.angle_alpha   90.000
_cell.angle_beta   100.170
_cell.angle_gamma   90.000
#
_symmetry.space_group_name_H-M   'P 1 21 1'
#
loop_
_entity.id
_entity.type
_entity.pdbx_description
1 polymer Integrase
2 non-polymer 1,2-ETHANEDIOL
3 non-polymer DI(HYDROXYETHYL)ETHER
4 non-polymer GLYCEROL
5 non-polymer '(2S)-tert-butoxy[4-(3,4-dihydro-2H-chromen-6-yl)-2-methylquinolin-3-yl]ethanoic acid'
6 non-polymer 'MAGNESIUM ION'
7 water water
#
_entity_poly.entity_id   1
_entity_poly.type   'polypeptide(L)'
_entity_poly.pdbx_seq_one_letter_code
;SIQNFRVYYRDSRDPVWKGPAKLLEKGEGAVVIQDNSDIKVVPRRKAKIIRDYGKQMAGDDCVASRQDEDMHGQVDCSPG
IWQLDCTHLEGKVILVAVHVASGYIEAEVIPAETGQETAYFLLKLAGRWPVKTVHTDNGSNFTSTTVKAACWWAGIKQEF
GIPYNPQSQGVIESMNKELKKIIGQVRDQAEHLKTAVQMAVFIHNKKRKGGIGGYSAGERIVDIIATDIQTKE
;
_entity_poly.pdbx_strand_id   A,B,C,D
#
# COMPACT_ATOMS: atom_id res chain seq x y z
N ASN A 4 2.47 -22.17 18.26
CA ASN A 4 3.46 -21.17 17.90
C ASN A 4 3.79 -21.26 16.41
N PHE A 5 3.88 -22.48 15.90
CA PHE A 5 4.08 -22.73 14.48
C PHE A 5 2.91 -23.50 13.91
N ARG A 6 2.52 -23.15 12.69
CA ARG A 6 1.60 -23.97 11.91
C ARG A 6 2.27 -24.34 10.61
N VAL A 7 1.99 -25.54 10.13
CA VAL A 7 2.57 -26.02 8.88
C VAL A 7 1.46 -26.23 7.87
N TYR A 8 1.60 -25.61 6.72
CA TYR A 8 0.78 -25.90 5.55
C TYR A 8 1.62 -26.72 4.58
N TYR A 9 1.01 -27.73 3.97
CA TYR A 9 1.79 -28.73 3.26
C TYR A 9 0.97 -29.32 2.13
N ARG A 10 1.67 -29.99 1.22
CA ARG A 10 1.08 -30.71 0.11
C ARG A 10 1.49 -32.17 0.18
N ASP A 11 0.52 -33.07 0.06
CA ASP A 11 0.81 -34.49 -0.01
C ASP A 11 -0.31 -35.16 -0.80
N SER A 12 -0.25 -36.49 -0.89
CA SER A 12 -1.25 -37.29 -1.61
C SER A 12 -1.37 -36.87 -3.07
N ARG A 13 -0.29 -36.30 -3.62
CA ARG A 13 -0.26 -35.86 -5.02
C ARG A 13 -1.40 -34.89 -5.32
N ASP A 14 -1.61 -33.93 -4.41
CA ASP A 14 -2.70 -32.96 -4.51
C ASP A 14 -2.09 -31.57 -4.42
N PRO A 15 -2.28 -30.71 -5.43
CA PRO A 15 -1.70 -29.36 -5.35
C PRO A 15 -2.32 -28.48 -4.28
N VAL A 16 -3.50 -28.85 -3.75
CA VAL A 16 -4.16 -28.04 -2.74
C VAL A 16 -3.36 -28.11 -1.44
N TRP A 17 -3.10 -26.94 -0.85
CA TRP A 17 -2.37 -26.88 0.40
C TRP A 17 -3.23 -27.40 1.54
N LYS A 18 -2.73 -28.40 2.26
CA LYS A 18 -3.41 -28.95 3.42
C LYS A 18 -2.84 -28.34 4.69
N GLY A 19 -3.52 -28.60 5.80
CA GLY A 19 -3.14 -28.04 7.07
C GLY A 19 -4.18 -27.10 7.62
N PRO A 20 -3.84 -26.36 8.69
CA PRO A 20 -2.53 -26.31 9.37
C PRO A 20 -2.22 -27.57 10.16
N ALA A 21 -0.97 -28.00 10.13
CA ALA A 21 -0.50 -29.15 10.90
C ALA A 21 0.45 -28.69 11.99
N LYS A 22 0.63 -29.56 12.98
CA LYS A 22 1.57 -29.31 14.06
C LYS A 22 2.98 -29.67 13.60
N LEU A 23 3.94 -28.80 13.89
CA LEU A 23 5.34 -29.06 13.56
C LEU A 23 5.98 -29.90 14.66
N LEU A 24 6.54 -31.05 14.28
CA LEU A 24 7.30 -31.88 15.20
C LEU A 24 8.80 -31.80 14.98
N GLU A 25 9.25 -31.66 13.74
CA GLU A 25 10.68 -31.52 13.48
C GLU A 25 10.89 -30.92 12.10
N LYS A 26 11.75 -29.91 12.02
CA LYS A 26 12.19 -29.36 10.73
C LYS A 26 13.58 -29.93 10.44
N GLY A 27 13.64 -30.88 9.51
CA GLY A 27 14.90 -31.46 9.09
C GLY A 27 15.49 -30.72 7.91
N GLU A 28 16.64 -31.23 7.46
CA GLU A 28 17.31 -30.61 6.31
C GLU A 28 16.49 -30.80 5.04
N GLY A 29 15.94 -31.99 4.83
CA GLY A 29 15.23 -32.26 3.60
C GLY A 29 13.77 -32.66 3.79
N ALA A 30 13.35 -32.86 5.02
CA ALA A 30 11.97 -33.24 5.29
C ALA A 30 11.52 -32.65 6.62
N VAL A 31 10.20 -32.50 6.77
CA VAL A 31 9.62 -32.02 8.02
C VAL A 31 8.67 -33.08 8.54
N VAL A 32 8.68 -33.27 9.85
CA VAL A 32 7.77 -34.19 10.52
C VAL A 32 6.64 -33.36 11.12
N ILE A 33 5.41 -33.69 10.74
CA ILE A 33 4.25 -32.94 11.16
C ILE A 33 3.20 -33.90 11.70
N GLN A 34 2.20 -33.35 12.35
CA GLN A 34 1.03 -34.10 12.80
C GLN A 34 -0.20 -33.34 12.37
N ASP A 35 -1.07 -34.00 11.60
CA ASP A 35 -2.32 -33.41 11.13
C ASP A 35 -3.45 -34.33 11.53
N ASN A 36 -4.39 -33.80 12.31
CA ASN A 36 -5.51 -34.55 12.90
C ASN A 36 -5.10 -35.96 13.31
N SER A 37 -4.07 -36.00 14.15
CA SER A 37 -3.49 -37.20 14.77
C SER A 37 -2.71 -38.07 13.79
N ASP A 38 -2.64 -37.70 12.51
CA ASP A 38 -1.82 -38.43 11.55
C ASP A 38 -0.42 -37.85 11.53
N ILE A 39 0.59 -38.72 11.66
CA ILE A 39 1.98 -38.31 11.56
C ILE A 39 2.41 -38.42 10.10
N LYS A 40 2.93 -37.32 9.54
CA LYS A 40 3.38 -37.29 8.17
C LYS A 40 4.79 -36.71 8.08
N VAL A 41 5.53 -37.18 7.09
CA VAL A 41 6.86 -36.69 6.76
C VAL A 41 6.79 -36.11 5.35
N VAL A 42 7.08 -34.83 5.22
CA VAL A 42 6.91 -34.10 3.96
C VAL A 42 8.26 -33.51 3.56
N PRO A 43 8.62 -33.51 2.28
CA PRO A 43 9.83 -32.78 1.87
C PRO A 43 9.74 -31.30 2.25
N ARG A 44 10.88 -30.73 2.64
CA ARG A 44 10.94 -29.31 2.98
C ARG A 44 10.29 -28.43 1.91
N ARG A 45 10.52 -28.74 0.63
CA ARG A 45 9.98 -27.89 -0.43
C ARG A 45 8.46 -27.98 -0.53
N LYS A 46 7.83 -28.99 0.07
CA LYS A 46 6.38 -29.12 0.12
C LYS A 46 5.81 -28.70 1.45
N ALA A 47 6.57 -27.98 2.27
CA ALA A 47 6.11 -27.53 3.57
C ALA A 47 6.35 -26.03 3.69
N LYS A 48 5.38 -25.34 4.27
CA LYS A 48 5.52 -23.93 4.60
C LYS A 48 5.27 -23.80 6.10
N ILE A 49 6.31 -23.45 6.84
CA ILE A 49 6.26 -23.37 8.29
C ILE A 49 6.13 -21.90 8.66
N ILE A 50 5.09 -21.56 9.41
CA ILE A 50 4.74 -20.17 9.66
C ILE A 50 4.53 -19.96 11.15
N ARG A 51 5.24 -18.97 11.70
CA ARG A 51 5.19 -18.63 13.12
C ARG A 51 4.14 -17.56 13.37
N ASP A 52 3.55 -17.57 14.56
CA ASP A 52 2.52 -16.59 14.91
C ASP A 52 3.13 -15.29 15.41
N TYR A 53 4.07 -14.73 14.64
CA TYR A 53 4.82 -13.56 15.10
C TYR A 53 3.91 -12.45 15.63
N GLY A 54 2.80 -12.17 14.95
CA GLY A 54 1.89 -11.15 15.42
C GLY A 54 1.28 -11.45 16.78
N LYS A 55 1.38 -12.68 17.26
CA LYS A 55 0.86 -13.09 18.56
C LYS A 55 -0.63 -12.83 18.69
N SER B 78 -15.33 -1.14 17.13
CA SER B 78 -13.99 -1.50 17.59
C SER B 78 -12.91 -0.94 16.67
N PRO B 79 -11.81 -0.48 17.26
CA PRO B 79 -10.75 0.17 16.47
C PRO B 79 -10.01 -0.77 15.52
N GLY B 80 -10.06 -2.08 15.76
CA GLY B 80 -9.26 -3.02 14.98
C GLY B 80 -10.00 -3.80 13.92
N ILE B 81 -11.25 -3.46 13.61
CA ILE B 81 -12.09 -4.24 12.71
C ILE B 81 -12.03 -3.64 11.32
N TRP B 82 -11.75 -4.47 10.34
CA TRP B 82 -11.71 -4.08 8.93
C TRP B 82 -12.62 -5.02 8.14
N GLN B 83 -13.18 -4.50 7.05
CA GLN B 83 -13.90 -5.30 6.08
C GLN B 83 -13.18 -5.22 4.74
N LEU B 84 -13.07 -6.35 4.06
CA LEU B 84 -12.39 -6.42 2.77
C LEU B 84 -13.32 -7.08 1.76
N ASP B 85 -13.20 -6.65 0.50
CA ASP B 85 -14.02 -7.19 -0.58
C ASP B 85 -13.40 -6.76 -1.89
N CYS B 86 -13.71 -7.51 -2.94
CA CYS B 86 -13.29 -7.17 -4.29
C CYS B 86 -14.46 -6.60 -5.08
N THR B 87 -14.18 -5.63 -5.93
CA THR B 87 -15.13 -5.18 -6.92
C THR B 87 -14.40 -5.08 -8.26
N HIS B 88 -15.14 -4.83 -9.32
CA HIS B 88 -14.58 -4.97 -10.66
C HIS B 88 -14.93 -3.76 -11.51
N LEU B 89 -13.93 -3.26 -12.23
CA LEU B 89 -14.09 -2.25 -13.26
C LEU B 89 -13.13 -2.56 -14.39
N GLU B 90 -13.58 -2.38 -15.63
CA GLU B 90 -12.74 -2.50 -16.82
C GLU B 90 -12.04 -3.86 -16.89
N GLY B 91 -12.73 -4.90 -16.40
CA GLY B 91 -12.18 -6.23 -16.39
C GLY B 91 -11.10 -6.47 -15.36
N LYS B 92 -10.84 -5.49 -14.50
CA LYS B 92 -9.78 -5.59 -13.51
C LYS B 92 -10.37 -5.73 -12.11
N VAL B 93 -9.57 -6.30 -11.22
CA VAL B 93 -9.99 -6.63 -9.86
C VAL B 93 -9.47 -5.55 -8.92
N ILE B 94 -10.38 -4.95 -8.16
CA ILE B 94 -10.03 -3.93 -7.18
C ILE B 94 -10.29 -4.50 -5.79
N LEU B 95 -9.22 -4.66 -5.02
CA LEU B 95 -9.33 -5.14 -3.65
C LEU B 95 -9.42 -3.95 -2.71
N VAL B 96 -10.47 -3.90 -1.90
CA VAL B 96 -10.82 -2.74 -1.10
C VAL B 96 -10.86 -3.15 0.38
N ALA B 97 -10.26 -2.34 1.24
CA ALA B 97 -10.31 -2.51 2.69
C ALA B 97 -10.93 -1.27 3.30
N VAL B 98 -11.87 -1.45 4.23
CA VAL B 98 -12.51 -0.35 4.92
CA VAL B 98 -12.49 -0.34 4.92
C VAL B 98 -12.32 -0.53 6.43
N HIS B 99 -11.85 0.51 7.10
CA HIS B 99 -11.80 0.54 8.55
C HIS B 99 -13.20 0.90 9.03
N VAL B 100 -13.92 -0.06 9.60
CA VAL B 100 -15.36 0.09 9.79
C VAL B 100 -15.67 1.32 10.63
N ALA B 101 -14.92 1.53 11.71
CA ALA B 101 -15.26 2.59 12.67
C ALA B 101 -15.13 3.98 12.07
N SER B 102 -14.31 4.16 11.03
CA SER B 102 -14.04 5.48 10.49
C SER B 102 -14.55 5.69 9.07
N GLY B 103 -14.65 4.64 8.25
CA GLY B 103 -14.91 4.80 6.84
C GLY B 103 -13.66 5.00 5.99
N TYR B 104 -12.49 5.00 6.60
CA TYR B 104 -11.24 5.07 5.85
C TYR B 104 -11.08 3.85 4.96
N ILE B 105 -10.55 4.05 3.74
CA ILE B 105 -10.37 2.94 2.81
C ILE B 105 -8.94 2.94 2.25
N GLU B 106 -8.49 1.73 1.89
CA GLU B 106 -7.34 1.51 1.03
C GLU B 106 -7.75 0.57 -0.08
N ALA B 107 -7.11 0.69 -1.24
CA ALA B 107 -7.46 -0.19 -2.34
C ALA B 107 -6.26 -0.40 -3.24
N GLU B 108 -6.24 -1.54 -3.92
CA GLU B 108 -5.25 -1.85 -4.94
C GLU B 108 -5.94 -2.56 -6.08
N VAL B 109 -5.46 -2.31 -7.29
CA VAL B 109 -5.82 -3.14 -8.43
C VAL B 109 -4.86 -4.31 -8.43
N ILE B 110 -5.38 -5.52 -8.27
CA ILE B 110 -4.52 -6.71 -8.17
C ILE B 110 -4.64 -7.49 -9.48
N PRO B 111 -3.57 -8.16 -9.91
CA PRO B 111 -3.58 -8.81 -11.22
C PRO B 111 -4.52 -9.99 -11.31
N ALA B 112 -4.88 -10.61 -10.20
CA ALA B 112 -5.84 -11.71 -10.20
C ALA B 112 -6.53 -11.76 -8.83
N GLU B 113 -7.75 -12.28 -8.83
CA GLU B 113 -8.56 -12.35 -7.60
C GLU B 113 -8.25 -13.65 -6.86
N THR B 114 -7.00 -13.74 -6.39
CA THR B 114 -6.46 -14.97 -5.82
C THR B 114 -6.15 -14.79 -4.34
N GLY B 115 -5.97 -15.91 -3.66
CA GLY B 115 -5.54 -15.85 -2.27
C GLY B 115 -4.15 -15.28 -2.12
N GLN B 116 -3.26 -15.57 -3.08
CA GLN B 116 -1.91 -15.04 -3.05
C GLN B 116 -1.91 -13.52 -3.02
N GLU B 117 -2.65 -12.90 -3.93
CA GLU B 117 -2.68 -11.43 -3.97
C GLU B 117 -3.39 -10.86 -2.74
N THR B 118 -4.42 -11.55 -2.26
CA THR B 118 -5.15 -11.07 -1.08
C THR B 118 -4.27 -11.14 0.17
N ALA B 119 -3.51 -12.22 0.30
CA ALA B 119 -2.63 -12.36 1.47
C ALA B 119 -1.54 -11.29 1.47
N TYR B 120 -0.98 -10.99 0.30
CA TYR B 120 0.04 -9.95 0.21
C TYR B 120 -0.53 -8.59 0.56
N PHE B 121 -1.73 -8.27 0.06
CA PHE B 121 -2.41 -7.04 0.41
C PHE B 121 -2.63 -6.95 1.92
N LEU B 122 -2.95 -8.08 2.54
CA LEU B 122 -3.23 -8.08 3.99
C LEU B 122 -1.96 -7.85 4.79
N LEU B 123 -0.83 -8.43 4.37
CA LEU B 123 0.42 -8.22 5.09
C LEU B 123 0.83 -6.75 5.05
N LYS B 124 0.59 -6.09 3.92
CA LYS B 124 0.84 -4.65 3.83
C LYS B 124 -0.08 -3.87 4.75
N LEU B 125 -1.38 -4.17 4.71
CA LEU B 125 -2.33 -3.45 5.55
C LEU B 125 -2.01 -3.64 7.02
N ALA B 126 -1.70 -4.88 7.42
CA ALA B 126 -1.42 -5.18 8.82
C ALA B 126 -0.18 -4.47 9.32
N GLY B 127 0.77 -4.17 8.43
CA GLY B 127 1.95 -3.44 8.83
C GLY B 127 1.71 -1.96 9.07
N ARG B 128 0.66 -1.41 8.50
CA ARG B 128 0.34 0.02 8.63
C ARG B 128 -0.55 0.32 9.82
N TRP B 129 -1.52 -0.53 10.09
CA TRP B 129 -2.59 -0.29 11.05
C TRP B 129 -2.66 -1.45 12.03
N PRO B 130 -3.31 -1.25 13.19
CA PRO B 130 -3.50 -2.38 14.14
C PRO B 130 -4.70 -3.24 13.75
N VAL B 131 -4.46 -4.16 12.82
CA VAL B 131 -5.53 -4.97 12.22
C VAL B 131 -5.76 -6.18 13.12
N LYS B 132 -6.89 -6.20 13.81
CA LYS B 132 -7.21 -7.29 14.73
C LYS B 132 -8.23 -8.27 14.17
N THR B 133 -9.23 -7.79 13.45
CA THR B 133 -10.25 -8.66 12.86
C THR B 133 -10.56 -8.20 11.45
N VAL B 134 -10.65 -9.14 10.51
CA VAL B 134 -11.04 -8.84 9.14
C VAL B 134 -12.32 -9.61 8.83
N HIS B 135 -13.35 -8.89 8.41
CA HIS B 135 -14.63 -9.47 8.00
CA HIS B 135 -14.62 -9.49 8.00
C HIS B 135 -14.71 -9.47 6.48
N THR B 136 -15.02 -10.64 5.90
CA THR B 136 -15.16 -10.75 4.45
C THR B 136 -16.37 -11.62 4.14
N ASP B 137 -16.70 -11.73 2.85
CA ASP B 137 -17.63 -12.77 2.42
C ASP B 137 -16.84 -14.07 2.25
N ASN B 138 -17.47 -15.08 1.67
CA ASN B 138 -16.84 -16.38 1.48
C ASN B 138 -16.23 -16.54 0.08
N GLY B 139 -15.76 -15.45 -0.51
CA GLY B 139 -15.00 -15.58 -1.75
C GLY B 139 -13.79 -16.48 -1.56
N SER B 140 -13.48 -17.26 -2.58
CA SER B 140 -12.43 -18.28 -2.45
C SER B 140 -11.08 -17.66 -2.15
N ASN B 141 -10.85 -16.42 -2.58
CA ASN B 141 -9.60 -15.75 -2.23
C ASN B 141 -9.54 -15.43 -0.74
N PHE B 142 -10.68 -15.14 -0.12
CA PHE B 142 -10.68 -14.79 1.30
C PHE B 142 -10.64 -16.01 2.21
N THR B 143 -11.12 -17.16 1.74
CA THR B 143 -11.03 -18.40 2.49
C THR B 143 -9.76 -19.20 2.17
N SER B 144 -8.86 -18.63 1.37
CA SER B 144 -7.71 -19.36 0.85
C SER B 144 -6.72 -19.68 1.96
N THR B 145 -5.93 -20.73 1.74
CA THR B 145 -4.91 -21.12 2.70
C THR B 145 -3.86 -20.03 2.89
N THR B 146 -3.47 -19.34 1.81
CA THR B 146 -2.46 -18.28 1.94
C THR B 146 -2.97 -17.12 2.79
N VAL B 147 -4.26 -16.80 2.70
CA VAL B 147 -4.79 -15.74 3.55
C VAL B 147 -4.85 -16.20 5.00
N LYS B 148 -5.20 -17.47 5.23
CA LYS B 148 -5.17 -17.98 6.60
C LYS B 148 -3.75 -17.94 7.16
N ALA B 149 -2.76 -18.23 6.31
CA ALA B 149 -1.36 -18.17 6.74
C ALA B 149 -0.95 -16.76 7.11
N ALA B 150 -1.35 -15.76 6.30
CA ALA B 150 -1.02 -14.37 6.61
C ALA B 150 -1.67 -13.94 7.92
N CYS B 151 -2.93 -14.34 8.15
CA CYS B 151 -3.61 -13.94 9.37
C CYS B 151 -3.01 -14.59 10.60
N TRP B 152 -2.50 -15.83 10.46
CA TRP B 152 -1.82 -16.47 11.57
C TRP B 152 -0.53 -15.74 11.92
N TRP B 153 0.26 -15.38 10.90
CA TRP B 153 1.52 -14.69 11.15
C TRP B 153 1.30 -13.32 11.78
N ALA B 154 0.32 -12.57 11.27
CA ALA B 154 0.09 -11.20 11.71
C ALA B 154 -0.83 -11.09 12.93
N GLY B 155 -1.44 -12.19 13.36
CA GLY B 155 -2.31 -12.16 14.52
C GLY B 155 -3.69 -11.62 14.25
N ILE B 156 -4.27 -11.94 13.09
CA ILE B 156 -5.55 -11.40 12.64
C ILE B 156 -6.59 -12.49 12.75
N LYS B 157 -7.73 -12.16 13.35
CA LYS B 157 -8.88 -13.07 13.40
C LYS B 157 -9.77 -12.85 12.20
N GLN B 158 -10.19 -13.94 11.57
CA GLN B 158 -11.03 -13.87 10.38
C GLN B 158 -12.48 -14.18 10.71
N GLU B 159 -13.39 -13.40 10.15
CA GLU B 159 -14.82 -13.63 10.30
C GLU B 159 -15.49 -13.57 8.93
N PHE B 160 -16.41 -14.48 8.68
CA PHE B 160 -17.02 -14.65 7.37
C PHE B 160 -18.53 -14.48 7.46
N GLY B 161 -19.13 -14.03 6.36
CA GLY B 161 -20.57 -13.86 6.29
C GLY B 161 -21.07 -12.57 6.90
N GLY B 170 -23.22 -4.29 5.57
CA GLY B 170 -23.09 -3.87 4.19
C GLY B 170 -22.22 -2.64 4.03
N VAL B 171 -21.30 -2.45 4.98
CA VAL B 171 -20.42 -1.28 4.92
C VAL B 171 -19.53 -1.33 3.68
N ILE B 172 -18.87 -2.47 3.46
CA ILE B 172 -17.96 -2.57 2.33
C ILE B 172 -18.73 -2.55 1.01
N GLU B 173 -19.90 -3.18 0.97
CA GLU B 173 -20.74 -3.14 -0.23
C GLU B 173 -21.09 -1.70 -0.59
N SER B 174 -21.55 -0.94 0.39
CA SER B 174 -21.81 0.48 0.18
C SER B 174 -20.55 1.22 -0.25
N MET B 175 -19.39 0.80 0.24
CA MET B 175 -18.16 1.50 -0.10
C MET B 175 -17.71 1.19 -1.52
N ASN B 176 -17.93 -0.04 -1.99
CA ASN B 176 -17.65 -0.38 -3.38
C ASN B 176 -18.40 0.56 -4.33
N LYS B 177 -19.68 0.79 -4.05
CA LYS B 177 -20.49 1.66 -4.91
C LYS B 177 -20.01 3.10 -4.86
N GLU B 178 -19.64 3.58 -3.66
CA GLU B 178 -19.12 4.93 -3.53
C GLU B 178 -17.81 5.08 -4.29
N LEU B 179 -16.90 4.13 -4.11
CA LEU B 179 -15.61 4.19 -4.80
C LEU B 179 -15.79 4.21 -6.31
N LYS B 180 -16.69 3.37 -6.84
CA LYS B 180 -16.94 3.34 -8.27
C LYS B 180 -17.54 4.65 -8.77
N LYS B 181 -18.39 5.27 -7.96
CA LYS B 181 -18.97 6.56 -8.33
C LYS B 181 -17.88 7.62 -8.47
N ILE B 182 -16.96 7.68 -7.51
CA ILE B 182 -15.88 8.66 -7.57
C ILE B 182 -14.95 8.35 -8.74
N ILE B 183 -14.62 7.07 -8.93
CA ILE B 183 -13.79 6.68 -10.08
C ILE B 183 -14.43 7.16 -11.38
N GLY B 184 -15.74 6.93 -11.53
CA GLY B 184 -16.43 7.40 -12.71
C GLY B 184 -16.36 8.90 -12.89
N GLN B 185 -16.34 9.65 -11.79
CA GLN B 185 -16.29 11.11 -11.88
C GLN B 185 -14.93 11.59 -12.37
N VAL B 186 -13.85 10.89 -12.03
CA VAL B 186 -12.49 11.34 -12.33
C VAL B 186 -11.81 10.48 -13.39
N ARG B 187 -12.51 9.49 -13.97
CA ARG B 187 -11.85 8.51 -14.82
C ARG B 187 -11.13 9.17 -16.00
N ASP B 188 -11.73 10.20 -16.60
CA ASP B 188 -11.15 10.77 -17.81
C ASP B 188 -9.91 11.60 -17.52
N GLN B 189 -9.61 11.87 -16.25
CA GLN B 189 -8.40 12.59 -15.87
C GLN B 189 -7.18 11.69 -15.79
N ALA B 190 -7.35 10.38 -15.95
CA ALA B 190 -6.25 9.43 -15.82
C ALA B 190 -6.27 8.45 -16.97
N GLU B 191 -5.07 8.05 -17.39
CA GLU B 191 -4.96 7.02 -18.42
C GLU B 191 -5.30 5.64 -17.84
N HIS B 192 -4.64 5.26 -16.75
N HIS B 192 -4.65 5.28 -16.74
CA HIS B 192 -4.81 3.94 -16.17
CA HIS B 192 -4.80 3.95 -16.14
C HIS B 192 -5.92 3.93 -15.13
C HIS B 192 -5.89 3.92 -15.09
N LEU B 193 -6.69 2.84 -15.10
CA LEU B 193 -7.71 2.67 -14.07
C LEU B 193 -7.12 2.79 -12.67
N LYS B 194 -5.96 2.17 -12.45
CA LYS B 194 -5.38 2.17 -11.10
C LYS B 194 -5.06 3.58 -10.62
N THR B 195 -4.70 4.47 -11.53
CA THR B 195 -4.50 5.87 -11.13
C THR B 195 -5.81 6.49 -10.67
N ALA B 196 -6.89 6.26 -11.42
CA ALA B 196 -8.19 6.77 -11.03
C ALA B 196 -8.63 6.18 -9.69
N VAL B 197 -8.35 4.89 -9.47
CA VAL B 197 -8.68 4.26 -8.19
C VAL B 197 -8.02 5.00 -7.04
N GLN B 198 -6.73 5.30 -7.16
CA GLN B 198 -6.04 5.93 -6.04
C GLN B 198 -6.44 7.40 -5.88
N MET B 199 -6.75 8.09 -6.98
CA MET B 199 -7.35 9.41 -6.85
C MET B 199 -8.66 9.34 -6.10
N ALA B 200 -9.46 8.31 -6.38
CA ALA B 200 -10.75 8.15 -5.72
C ALA B 200 -10.60 7.82 -4.24
N VAL B 201 -9.61 6.99 -3.90
CA VAL B 201 -9.33 6.70 -2.49
C VAL B 201 -8.93 7.99 -1.77
N PHE B 202 -8.02 8.76 -2.38
CA PHE B 202 -7.64 10.06 -1.84
C PHE B 202 -8.86 10.95 -1.62
N ILE B 203 -9.69 11.12 -2.65
CA ILE B 203 -10.86 12.00 -2.55
C ILE B 203 -11.75 11.57 -1.39
N HIS B 204 -12.04 10.27 -1.29
CA HIS B 204 -12.92 9.79 -0.24
C HIS B 204 -12.32 10.02 1.14
N ASN B 205 -11.03 9.69 1.30
CA ASN B 205 -10.41 9.75 2.63
C ASN B 205 -10.22 11.18 3.11
N LYS B 206 -10.06 12.14 2.20
CA LYS B 206 -9.78 13.52 2.59
C LYS B 206 -11.02 14.39 2.72
N LYS B 207 -12.15 13.96 2.19
CA LYS B 207 -13.33 14.81 2.19
C LYS B 207 -13.90 14.95 3.59
N ARG B 208 -14.10 16.19 4.02
CA ARG B 208 -14.63 16.48 5.35
C ARG B 208 -16.15 16.46 5.34
N LYS B 209 -16.72 16.08 6.47
CA LYS B 209 -18.17 16.04 6.63
C LYS B 209 -18.69 17.32 7.26
N GLY B 214 -16.95 17.02 12.17
CA GLY B 214 -16.62 17.50 10.84
C GLY B 214 -15.25 17.07 10.37
N TYR B 215 -14.90 15.81 10.60
CA TYR B 215 -13.62 15.26 10.20
C TYR B 215 -13.75 14.46 8.91
N SER B 216 -12.61 14.27 8.25
CA SER B 216 -12.53 13.35 7.14
C SER B 216 -12.33 11.93 7.66
N ALA B 217 -12.58 10.94 6.78
CA ALA B 217 -12.35 9.55 7.14
C ALA B 217 -10.90 9.31 7.55
N GLY B 218 -9.96 9.92 6.82
CA GLY B 218 -8.55 9.78 7.18
C GLY B 218 -8.22 10.44 8.51
N GLU B 219 -8.92 11.52 8.86
CA GLU B 219 -8.75 12.10 10.18
C GLU B 219 -9.37 11.20 11.25
N ARG B 220 -10.50 10.57 10.94
CA ARG B 220 -11.19 9.76 11.93
C ARG B 220 -10.39 8.52 12.32
N ILE B 221 -9.77 7.84 11.34
CA ILE B 221 -9.05 6.62 11.68
C ILE B 221 -7.84 6.94 12.55
N VAL B 222 -7.10 8.00 12.23
CA VAL B 222 -5.96 8.38 13.05
C VAL B 222 -6.42 8.79 14.45
N ASP B 223 -7.49 9.57 14.54
CA ASP B 223 -8.00 9.98 15.85
C ASP B 223 -8.46 8.77 16.67
N ILE B 224 -9.15 7.82 16.02
CA ILE B 224 -9.68 6.66 16.74
C ILE B 224 -8.55 5.80 17.26
N ILE B 225 -7.54 5.53 16.43
CA ILE B 225 -6.44 4.68 16.84
C ILE B 225 -5.57 5.37 17.88
N ALA B 226 -5.28 6.66 17.68
CA ALA B 226 -4.49 7.41 18.67
C ALA B 226 -5.17 7.44 20.03
N THR B 227 -6.48 7.69 20.05
CA THR B 227 -7.21 7.72 21.32
C THR B 227 -7.07 6.39 22.07
N ASP B 228 -7.13 5.29 21.33
CA ASP B 228 -6.92 3.97 21.94
C ASP B 228 -5.53 3.88 22.56
N ILE B 229 -4.51 4.34 21.84
CA ILE B 229 -3.15 4.30 22.36
C ILE B 229 -2.97 5.26 23.52
N GLN B 230 -3.42 6.51 23.35
CA GLN B 230 -3.15 7.55 24.33
C GLN B 230 -3.87 7.34 25.66
N THR B 231 -4.85 6.44 25.71
CA THR B 231 -5.63 6.22 26.93
C THR B 231 -5.42 4.86 27.57
N LYS B 232 -4.58 4.01 27.00
CA LYS B 232 -4.33 2.69 27.57
C LYS B 232 -3.62 2.78 28.91
N ASN C 4 -3.65 27.11 -9.95
CA ASN C 4 -4.67 26.08 -9.82
C ASN C 4 -4.42 24.93 -10.81
N PHE C 5 -4.08 25.28 -12.04
CA PHE C 5 -3.87 24.30 -13.11
C PHE C 5 -2.42 24.31 -13.57
N ARG C 6 -1.89 23.12 -13.81
CA ARG C 6 -0.65 22.94 -14.55
C ARG C 6 -0.91 22.00 -15.72
N VAL C 7 -0.10 22.13 -16.76
CA VAL C 7 -0.29 21.36 -17.98
C VAL C 7 0.98 20.57 -18.27
N TYR C 8 0.82 19.29 -18.53
CA TYR C 8 1.90 18.41 -18.96
C TYR C 8 1.59 17.96 -20.38
N TYR C 9 2.62 17.94 -21.23
CA TYR C 9 2.36 17.91 -22.66
C TYR C 9 3.53 17.27 -23.38
N ARG C 10 3.30 16.94 -24.65
CA ARG C 10 4.30 16.30 -25.50
C ARG C 10 4.50 17.11 -26.77
N ASP C 11 5.72 17.08 -27.28
CA ASP C 11 6.04 17.66 -28.58
C ASP C 11 6.12 16.56 -29.62
N ASP C 14 9.75 14.41 -29.48
CA ASP C 14 10.18 13.99 -28.16
C ASP C 14 9.03 13.31 -27.41
N PRO C 15 9.17 12.02 -27.12
CA PRO C 15 8.11 11.29 -26.42
C PRO C 15 8.13 11.41 -24.91
N VAL C 16 8.96 12.27 -24.34
CA VAL C 16 8.95 12.48 -22.90
C VAL C 16 8.04 13.66 -22.59
N TRP C 17 7.24 13.52 -21.54
CA TRP C 17 6.28 14.56 -21.19
C TRP C 17 7.00 15.72 -20.52
N LYS C 18 6.68 16.93 -20.97
CA LYS C 18 7.23 18.15 -20.40
C LYS C 18 6.22 18.78 -19.45
N GLY C 19 6.71 19.68 -18.60
CA GLY C 19 5.86 20.36 -17.66
C GLY C 19 6.49 20.47 -16.29
N PRO C 20 5.84 21.19 -15.37
CA PRO C 20 4.54 21.86 -15.53
C PRO C 20 4.62 23.12 -16.38
N ALA C 21 3.75 23.23 -17.37
CA ALA C 21 3.57 24.46 -18.12
C ALA C 21 2.35 25.21 -17.58
N LYS C 22 2.42 26.53 -17.64
CA LYS C 22 1.31 27.37 -17.22
C LYS C 22 0.21 27.34 -18.29
N LEU C 23 -1.03 27.27 -17.85
CA LEU C 23 -2.18 27.28 -18.75
C LEU C 23 -2.61 28.73 -19.02
N LEU C 24 -2.55 29.14 -20.28
CA LEU C 24 -3.00 30.47 -20.67
C LEU C 24 -4.46 30.46 -21.11
N GLU C 25 -4.82 29.59 -22.04
CA GLU C 25 -6.19 29.47 -22.52
C GLU C 25 -6.45 28.03 -22.93
N LYS C 26 -7.73 27.67 -22.95
CA LYS C 26 -8.16 26.32 -23.30
C LYS C 26 -9.25 26.39 -24.34
N GLY C 27 -9.10 25.63 -25.42
CA GLY C 27 -10.12 25.45 -26.42
C GLY C 27 -10.53 23.99 -26.52
N GLU C 28 -11.55 23.74 -27.34
CA GLU C 28 -12.01 22.37 -27.54
C GLU C 28 -10.97 21.52 -28.26
N GLY C 29 -10.17 22.14 -29.12
CA GLY C 29 -9.20 21.39 -29.91
C GLY C 29 -7.78 21.50 -29.42
N ALA C 30 -7.44 22.61 -28.76
CA ALA C 30 -6.07 22.87 -28.35
C ALA C 30 -6.06 23.58 -27.01
N VAL C 31 -4.87 23.66 -26.42
CA VAL C 31 -4.61 24.48 -25.25
C VAL C 31 -3.42 25.37 -25.57
N VAL C 32 -3.46 26.61 -25.07
CA VAL C 32 -2.33 27.53 -25.16
C VAL C 32 -1.63 27.54 -23.82
N ILE C 33 -0.33 27.28 -23.83
CA ILE C 33 0.44 27.12 -22.60
C ILE C 33 1.73 27.91 -22.70
N GLN C 34 2.32 28.19 -21.55
CA GLN C 34 3.60 28.88 -21.45
C GLN C 34 4.50 28.08 -20.53
N ASP C 35 5.60 27.57 -21.07
CA ASP C 35 6.53 26.77 -20.27
C ASP C 35 7.45 27.68 -19.46
N ASN C 36 8.51 28.20 -20.10
CA ASN C 36 9.36 29.20 -19.47
C ASN C 36 9.17 30.50 -20.22
N SER C 37 9.95 30.80 -21.24
CA SER C 37 9.70 31.95 -22.10
C SER C 37 9.30 31.48 -23.48
N ASP C 38 8.26 30.65 -23.56
CA ASP C 38 7.85 30.04 -24.82
C ASP C 38 6.38 29.71 -24.72
N ILE C 39 5.57 30.28 -25.62
CA ILE C 39 4.14 30.02 -25.68
C ILE C 39 3.88 28.97 -26.75
N LYS C 40 3.12 27.93 -26.40
CA LYS C 40 2.89 26.81 -27.30
C LYS C 40 1.39 26.57 -27.46
N VAL C 41 1.00 26.19 -28.67
CA VAL C 41 -0.34 25.69 -28.96
C VAL C 41 -0.24 24.18 -29.06
N VAL C 42 -0.93 23.46 -28.20
CA VAL C 42 -0.79 22.02 -28.05
C VAL C 42 -2.15 21.38 -28.29
N PRO C 43 -2.25 20.33 -29.11
CA PRO C 43 -3.52 19.62 -29.26
C PRO C 43 -4.01 19.07 -27.93
N ARG C 44 -5.33 18.94 -27.80
CA ARG C 44 -5.90 18.42 -26.56
C ARG C 44 -5.39 17.01 -26.26
N ARG C 45 -5.23 16.18 -27.30
CA ARG C 45 -4.75 14.82 -27.09
C ARG C 45 -3.32 14.78 -26.58
N LYS C 46 -2.56 15.86 -26.76
CA LYS C 46 -1.17 15.92 -26.34
C LYS C 46 -0.97 16.68 -25.04
N ALA C 47 -2.04 16.94 -24.30
CA ALA C 47 -1.97 17.79 -23.12
C ALA C 47 -2.75 17.17 -21.97
N LYS C 48 -2.16 17.22 -20.78
CA LYS C 48 -2.80 16.77 -19.55
C LYS C 48 -2.92 17.97 -18.62
N ILE C 49 -4.14 18.45 -18.44
CA ILE C 49 -4.41 19.57 -17.54
C ILE C 49 -4.79 19.00 -16.18
N ILE C 50 -4.08 19.44 -15.14
CA ILE C 50 -4.17 18.83 -13.81
C ILE C 50 -4.36 19.92 -12.77
N ARG C 51 -5.39 19.78 -11.95
CA ARG C 51 -5.67 20.73 -10.87
C ARG C 51 -4.90 20.35 -9.62
N ASP C 52 -4.53 21.36 -8.82
CA ASP C 52 -3.90 21.11 -7.53
C ASP C 52 -4.99 20.78 -6.49
N TYR C 53 -5.65 19.65 -6.72
CA TYR C 53 -6.81 19.26 -5.92
C TYR C 53 -6.48 19.19 -4.44
N GLY C 54 -5.38 18.53 -4.08
CA GLY C 54 -4.95 18.48 -2.68
C GLY C 54 -4.51 19.83 -2.15
N LYS C 55 -4.23 20.78 -3.03
CA LYS C 55 -3.92 22.17 -2.67
C LYS C 55 -2.67 22.28 -1.81
N CYS D 77 10.75 17.66 13.72
CA CYS D 77 10.38 18.15 12.40
C CYS D 77 8.87 18.09 12.18
N SER D 78 8.43 18.56 11.02
CA SER D 78 7.01 18.67 10.74
C SER D 78 6.35 17.28 10.67
N PRO D 79 5.10 17.18 11.08
CA PRO D 79 4.37 15.90 10.92
C PRO D 79 4.06 15.55 9.48
N GLY D 80 4.33 16.44 8.53
CA GLY D 80 4.03 16.18 7.14
C GLY D 80 5.20 15.84 6.25
N ILE D 81 6.40 15.69 6.81
CA ILE D 81 7.60 15.48 6.01
C ILE D 81 7.88 13.98 5.89
N TRP D 82 8.10 13.53 4.66
CA TRP D 82 8.46 12.16 4.34
C TRP D 82 9.74 12.15 3.52
N GLN D 83 10.52 11.08 3.68
CA GLN D 83 11.67 10.82 2.83
C GLN D 83 11.44 9.53 2.07
N LEU D 84 11.76 9.56 0.78
CA LEU D 84 11.64 8.39 -0.09
C LEU D 84 12.97 8.07 -0.73
N ASP D 85 13.22 6.78 -0.93
CA ASP D 85 14.43 6.32 -1.59
C ASP D 85 14.20 4.89 -2.04
N CYS D 86 15.01 4.45 -3.01
CA CYS D 86 14.99 3.06 -3.44
C CYS D 86 16.21 2.32 -2.93
N THR D 87 16.02 1.06 -2.59
CA THR D 87 17.13 0.14 -2.37
C THR D 87 16.89 -1.10 -3.21
N HIS D 88 17.82 -2.04 -3.17
CA HIS D 88 17.80 -3.16 -4.10
C HIS D 88 18.25 -4.43 -3.41
N LEU D 89 17.54 -5.53 -3.71
CA LEU D 89 17.90 -6.85 -3.24
C LEU D 89 17.44 -7.87 -4.27
N GLU D 90 18.29 -8.85 -4.55
CA GLU D 90 17.95 -9.97 -5.43
C GLU D 90 17.54 -9.50 -6.82
N GLY D 91 18.13 -8.39 -7.28
CA GLY D 91 17.80 -7.83 -8.57
C GLY D 91 16.49 -7.07 -8.63
N LYS D 92 15.84 -6.83 -7.48
CA LYS D 92 14.54 -6.19 -7.44
C LYS D 92 14.64 -4.82 -6.81
N VAL D 93 13.70 -3.95 -7.18
CA VAL D 93 13.70 -2.55 -6.74
C VAL D 93 12.69 -2.40 -5.60
N ILE D 94 13.17 -1.88 -4.47
CA ILE D 94 12.33 -1.65 -3.29
C ILE D 94 12.21 -0.15 -3.07
N LEU D 95 11.00 0.38 -3.18
CA LEU D 95 10.75 1.80 -2.94
C LEU D 95 10.27 1.95 -1.50
N VAL D 96 10.98 2.76 -0.72
CA VAL D 96 10.73 2.91 0.71
C VAL D 96 10.39 4.35 1.02
N ALA D 97 9.37 4.54 1.86
CA ALA D 97 9.02 5.85 2.39
C ALA D 97 9.13 5.82 3.91
N VAL D 98 9.69 6.88 4.49
CA VAL D 98 9.80 6.99 5.94
C VAL D 98 9.20 8.32 6.38
N HIS D 99 8.33 8.25 7.38
CA HIS D 99 7.81 9.44 8.05
C HIS D 99 8.87 9.88 9.04
N VAL D 100 9.52 11.03 8.77
CA VAL D 100 10.76 11.36 9.46
C VAL D 100 10.53 11.50 10.97
N ALA D 101 9.41 12.09 11.37
CA ALA D 101 9.21 12.39 12.79
C ALA D 101 9.02 11.13 13.63
N SER D 102 8.51 10.05 13.03
CA SER D 102 8.16 8.84 13.77
C SER D 102 9.03 7.64 13.48
N GLY D 103 9.65 7.56 12.30
CA GLY D 103 10.35 6.35 11.90
C GLY D 103 9.45 5.30 11.27
N TYR D 104 8.16 5.59 11.14
CA TYR D 104 7.24 4.70 10.45
C TYR D 104 7.62 4.58 8.98
N ILE D 105 7.54 3.36 8.44
CA ILE D 105 7.90 3.14 7.03
C ILE D 105 6.80 2.41 6.28
N GLU D 106 6.83 2.57 4.96
CA GLU D 106 6.06 1.78 4.02
C GLU D 106 6.97 1.45 2.86
N ALA D 107 6.78 0.29 2.26
CA ALA D 107 7.65 -0.12 1.15
C ALA D 107 6.86 -0.98 0.18
N GLU D 108 7.31 -0.96 -1.09
CA GLU D 108 6.79 -1.80 -2.14
C GLU D 108 7.93 -2.25 -3.02
N VAL D 109 7.85 -3.47 -3.52
CA VAL D 109 8.73 -3.94 -4.58
C VAL D 109 8.08 -3.50 -5.89
N ILE D 110 8.78 -2.67 -6.66
CA ILE D 110 8.19 -2.15 -7.88
C ILE D 110 8.89 -2.79 -9.07
N PRO D 111 8.18 -3.02 -10.19
CA PRO D 111 8.77 -3.78 -11.29
C PRO D 111 9.88 -3.05 -12.02
N ALA D 112 9.93 -1.73 -11.95
CA ALA D 112 10.98 -0.95 -12.57
C ALA D 112 11.11 0.36 -11.82
N GLU D 113 12.33 0.89 -11.78
CA GLU D 113 12.64 2.09 -11.00
C GLU D 113 12.36 3.34 -11.84
N THR D 114 11.07 3.54 -12.16
CA THR D 114 10.65 4.57 -13.08
C THR D 114 9.85 5.66 -12.37
N GLY D 115 9.73 6.81 -13.05
CA GLY D 115 8.86 7.85 -12.55
C GLY D 115 7.42 7.39 -12.40
N GLN D 116 6.92 6.65 -13.39
CA GLN D 116 5.54 6.17 -13.35
C GLN D 116 5.24 5.36 -12.10
N GLU D 117 6.11 4.39 -11.78
CA GLU D 117 5.91 3.57 -10.59
C GLU D 117 6.05 4.39 -9.31
N THR D 118 6.97 5.34 -9.30
CA THR D 118 7.15 6.20 -8.14
C THR D 118 5.94 7.09 -7.92
N ALA D 119 5.40 7.63 -9.02
CA ALA D 119 4.24 8.51 -8.93
C ALA D 119 3.03 7.73 -8.41
N TYR D 120 2.85 6.50 -8.88
CA TYR D 120 1.74 5.69 -8.40
C TYR D 120 1.89 5.40 -6.92
N PHE D 121 3.10 5.09 -6.48
CA PHE D 121 3.36 4.85 -5.06
C PHE D 121 3.03 6.09 -4.24
N LEU D 122 3.38 7.28 -4.74
CA LEU D 122 3.11 8.51 -4.00
C LEU D 122 1.61 8.79 -3.90
N LEU D 123 0.86 8.56 -4.98
CA LEU D 123 -0.59 8.77 -4.91
C LEU D 123 -1.22 7.90 -3.82
N LYS D 124 -0.77 6.65 -3.71
CA LYS D 124 -1.28 5.77 -2.66
C LYS D 124 -0.90 6.30 -1.28
N LEU D 125 0.36 6.71 -1.12
CA LEU D 125 0.83 7.22 0.16
C LEU D 125 0.05 8.45 0.59
N ALA D 126 -0.13 9.40 -0.34
CA ALA D 126 -0.81 10.65 -0.03
C ALA D 126 -2.28 10.44 0.33
N GLY D 127 -2.90 9.35 -0.12
CA GLY D 127 -4.27 9.05 0.25
C GLY D 127 -4.42 8.54 1.67
N ARG D 128 -3.34 8.02 2.26
CA ARG D 128 -3.38 7.47 3.60
C ARG D 128 -3.03 8.47 4.69
N TRP D 129 -2.07 9.35 4.41
CA TRP D 129 -1.48 10.24 5.40
C TRP D 129 -1.54 11.67 4.90
N PRO D 130 -1.37 12.65 5.78
CA PRO D 130 -1.27 14.06 5.34
C PRO D 130 0.16 14.39 4.90
N VAL D 131 0.46 14.05 3.65
CA VAL D 131 1.80 14.18 3.08
C VAL D 131 1.95 15.60 2.56
N LYS D 132 2.78 16.39 3.23
CA LYS D 132 3.00 17.78 2.86
C LYS D 132 4.28 17.99 2.07
N THR D 133 5.35 17.29 2.44
CA THR D 133 6.66 17.46 1.80
C THR D 133 7.30 16.09 1.63
N VAL D 134 7.91 15.85 0.47
CA VAL D 134 8.69 14.63 0.26
C VAL D 134 10.10 15.03 -0.11
N HIS D 135 11.07 14.48 0.60
CA HIS D 135 12.48 14.75 0.36
C HIS D 135 13.13 13.51 -0.24
N THR D 136 13.80 13.68 -1.38
CA THR D 136 14.44 12.58 -2.09
C THR D 136 15.82 13.03 -2.54
N ASP D 137 16.61 12.08 -3.01
CA ASP D 137 17.81 12.41 -3.77
C ASP D 137 17.38 12.75 -5.20
N ASN D 138 18.35 12.96 -6.09
CA ASN D 138 18.06 13.35 -7.46
C ASN D 138 17.96 12.17 -8.42
N GLY D 139 17.59 10.99 -7.93
CA GLY D 139 17.31 9.87 -8.80
C GLY D 139 16.32 10.24 -9.89
N SER D 140 16.54 9.73 -11.10
CA SER D 140 15.75 10.18 -12.25
C SER D 140 14.26 9.90 -12.05
N ASN D 141 13.92 8.85 -11.31
CA ASN D 141 12.52 8.57 -11.06
C ASN D 141 11.89 9.63 -10.17
N PHE D 142 12.66 10.22 -9.25
CA PHE D 142 12.12 11.20 -8.33
C PHE D 142 11.99 12.58 -8.95
N THR D 143 12.79 12.90 -9.96
CA THR D 143 12.71 14.18 -10.65
C THR D 143 11.85 14.12 -11.91
N SER D 144 11.12 13.02 -12.10
CA SER D 144 10.39 12.76 -13.33
C SER D 144 9.12 13.61 -13.43
N THR D 145 8.66 13.78 -14.66
CA THR D 145 7.45 14.58 -14.91
C THR D 145 6.23 13.96 -14.24
N THR D 146 6.13 12.62 -14.24
CA THR D 146 4.94 12.01 -13.65
C THR D 146 4.90 12.20 -12.15
N VAL D 147 6.06 12.19 -11.49
CA VAL D 147 6.10 12.46 -10.05
C VAL D 147 5.75 13.92 -9.79
N LYS D 148 6.21 14.84 -10.65
CA LYS D 148 5.80 16.23 -10.53
C LYS D 148 4.28 16.36 -10.61
N ALA D 149 3.67 15.63 -11.54
CA ALA D 149 2.22 15.70 -11.72
C ALA D 149 1.49 15.19 -10.49
N ALA D 150 1.93 14.05 -9.95
CA ALA D 150 1.28 13.50 -8.77
C ALA D 150 1.40 14.46 -7.59
N CYS D 151 2.58 15.04 -7.39
CA CYS D 151 2.76 15.94 -6.25
C CYS D 151 1.94 17.22 -6.42
N TRP D 152 1.81 17.71 -7.65
CA TRP D 152 0.97 18.87 -7.90
C TRP D 152 -0.49 18.56 -7.56
N TRP D 153 -0.99 17.43 -8.04
CA TRP D 153 -2.38 17.06 -7.78
C TRP D 153 -2.64 16.87 -6.30
N ALA D 154 -1.75 16.15 -5.62
CA ALA D 154 -1.94 15.83 -4.21
C ALA D 154 -1.54 16.97 -3.28
N GLY D 155 -0.92 18.02 -3.80
CA GLY D 155 -0.50 19.13 -2.98
C GLY D 155 0.75 18.87 -2.18
N ILE D 156 1.72 18.17 -2.77
CA ILE D 156 2.96 17.78 -2.10
C ILE D 156 4.09 18.64 -2.64
N LYS D 157 4.88 19.22 -1.72
CA LYS D 157 6.09 19.93 -2.09
C LYS D 157 7.27 18.95 -2.13
N GLN D 158 8.10 19.07 -3.17
CA GLN D 158 9.27 18.22 -3.32
C GLN D 158 10.53 18.99 -2.95
N GLU D 159 11.42 18.34 -2.20
CA GLU D 159 12.73 18.87 -1.90
C GLU D 159 13.76 17.83 -2.28
N PHE D 160 14.88 18.28 -2.83
CA PHE D 160 15.91 17.39 -3.34
C PHE D 160 17.23 17.65 -2.62
N GLY D 161 18.03 16.59 -2.48
CA GLY D 161 19.33 16.70 -1.84
C GLY D 161 19.34 16.24 -0.40
N GLY D 170 19.90 11.74 6.06
CA GLY D 170 20.33 10.35 6.04
C GLY D 170 19.41 9.42 6.80
N VAL D 171 18.18 9.88 7.05
CA VAL D 171 17.21 9.06 7.79
C VAL D 171 16.77 7.87 6.94
N ILE D 172 16.43 8.12 5.67
CA ILE D 172 15.94 7.03 4.83
C ILE D 172 17.06 6.08 4.46
N GLU D 173 18.29 6.58 4.28
CA GLU D 173 19.42 5.70 4.00
C GLU D 173 19.71 4.80 5.18
N SER D 174 19.67 5.34 6.40
CA SER D 174 19.79 4.50 7.59
C SER D 174 18.63 3.53 7.68
N MET D 175 17.43 3.97 7.27
CA MET D 175 16.28 3.09 7.32
C MET D 175 16.38 1.97 6.29
N ASN D 176 16.95 2.27 5.12
CA ASN D 176 17.16 1.23 4.12
C ASN D 176 18.04 0.11 4.66
N LYS D 177 19.12 0.46 5.35
CA LYS D 177 19.99 -0.55 5.93
C LYS D 177 19.25 -1.39 6.96
N GLU D 178 18.47 -0.74 7.82
CA GLU D 178 17.72 -1.47 8.85
C GLU D 178 16.70 -2.40 8.21
N LEU D 179 16.02 -1.93 7.17
CA LEU D 179 15.05 -2.78 6.49
C LEU D 179 15.72 -4.01 5.87
N LYS D 180 16.85 -3.81 5.20
CA LYS D 180 17.58 -4.94 4.65
C LYS D 180 18.06 -5.89 5.73
N LYS D 181 18.45 -5.35 6.90
CA LYS D 181 18.86 -6.22 7.99
C LYS D 181 17.71 -7.11 8.45
N ILE D 182 16.52 -6.53 8.63
CA ILE D 182 15.38 -7.33 9.06
C ILE D 182 14.99 -8.34 7.97
N ILE D 183 15.03 -7.91 6.70
CA ILE D 183 14.70 -8.80 5.60
C ILE D 183 15.58 -10.05 5.65
N GLY D 184 16.89 -9.84 5.81
CA GLY D 184 17.80 -10.97 5.90
C GLY D 184 17.52 -11.88 7.08
N GLN D 185 17.00 -11.31 8.17
CA GLN D 185 16.70 -12.12 9.34
C GLN D 185 15.50 -13.03 9.11
N VAL D 186 14.56 -12.62 8.25
CA VAL D 186 13.32 -13.37 8.04
C VAL D 186 13.23 -13.97 6.66
N ARG D 187 14.27 -13.83 5.83
CA ARG D 187 14.16 -14.14 4.41
C ARG D 187 13.76 -15.59 4.17
N ASP D 188 14.32 -16.53 4.93
CA ASP D 188 14.00 -17.92 4.67
C ASP D 188 12.61 -18.31 5.13
N GLN D 189 11.85 -17.40 5.74
CA GLN D 189 10.48 -17.66 6.13
C GLN D 189 9.49 -17.39 5.00
N ALA D 190 9.96 -16.88 3.86
CA ALA D 190 9.08 -16.51 2.77
C ALA D 190 9.70 -16.99 1.46
N GLU D 191 8.82 -17.33 0.51
CA GLU D 191 9.29 -17.66 -0.83
C GLU D 191 9.70 -16.40 -1.58
N HIS D 192 8.81 -15.41 -1.66
N HIS D 192 8.81 -15.42 -1.65
CA HIS D 192 9.06 -14.22 -2.46
CA HIS D 192 9.04 -14.22 -2.45
C HIS D 192 9.70 -13.13 -1.62
C HIS D 192 9.71 -13.12 -1.62
N LEU D 193 10.64 -12.40 -2.26
CA LEU D 193 11.28 -11.27 -1.59
C LEU D 193 10.24 -10.25 -1.10
N LYS D 194 9.21 -9.99 -1.92
CA LYS D 194 8.23 -8.98 -1.52
C LYS D 194 7.51 -9.38 -0.24
N THR D 195 7.32 -10.69 -0.01
CA THR D 195 6.72 -11.14 1.24
C THR D 195 7.63 -10.82 2.42
N ALA D 196 8.93 -11.08 2.29
CA ALA D 196 9.87 -10.73 3.35
C ALA D 196 9.95 -9.22 3.57
N VAL D 197 9.85 -8.44 2.48
CA VAL D 197 9.82 -6.98 2.62
C VAL D 197 8.67 -6.55 3.54
N GLN D 198 7.47 -7.06 3.27
CA GLN D 198 6.33 -6.62 4.07
C GLN D 198 6.37 -7.17 5.49
N MET D 199 6.93 -8.37 5.68
CA MET D 199 7.18 -8.84 7.03
C MET D 199 8.13 -7.90 7.77
N ALA D 200 9.19 -7.46 7.10
CA ALA D 200 10.16 -6.57 7.74
C ALA D 200 9.53 -5.22 8.07
N VAL D 201 8.68 -4.70 7.18
CA VAL D 201 8.00 -3.44 7.45
C VAL D 201 7.13 -3.58 8.70
N PHE D 202 6.37 -4.68 8.78
CA PHE D 202 5.56 -4.97 9.96
C PHE D 202 6.43 -5.02 11.21
N ILE D 203 7.51 -5.81 11.18
CA ILE D 203 8.40 -5.94 12.33
C ILE D 203 8.94 -4.58 12.74
N HIS D 204 9.38 -3.78 11.76
CA HIS D 204 9.93 -2.47 12.09
C HIS D 204 8.86 -1.57 12.71
N ASN D 205 7.66 -1.55 12.14
CA ASN D 205 6.66 -0.58 12.58
C ASN D 205 6.05 -0.97 13.91
N LYS D 206 6.01 -2.26 14.25
CA LYS D 206 5.34 -2.71 15.46
C LYS D 206 6.26 -2.81 16.67
N LYS D 207 7.58 -2.83 16.47
CA LYS D 207 8.50 -3.03 17.58
C LYS D 207 8.48 -1.84 18.52
N ARG D 208 8.16 -2.08 19.79
CA ARG D 208 8.04 -1.00 20.76
C ARG D 208 9.41 -0.65 21.33
N LYS D 209 9.71 0.64 21.36
CA LYS D 209 10.94 1.14 21.95
C LYS D 209 10.89 1.05 23.47
N GLY D 214 7.22 2.73 26.26
CA GLY D 214 7.70 3.05 24.93
C GLY D 214 6.65 2.84 23.85
N TYR D 215 6.77 3.61 22.77
CA TYR D 215 5.90 3.50 21.61
C TYR D 215 6.65 2.84 20.46
N SER D 216 5.89 2.20 19.58
CA SER D 216 6.42 1.76 18.29
C SER D 216 6.29 2.88 17.28
N ALA D 217 7.00 2.73 16.16
CA ALA D 217 6.88 3.71 15.08
C ALA D 217 5.44 3.82 14.61
N GLY D 218 4.74 2.69 14.50
CA GLY D 218 3.35 2.72 14.09
C GLY D 218 2.46 3.48 15.07
N GLU D 219 2.74 3.38 16.37
CA GLU D 219 2.01 4.17 17.33
C GLU D 219 2.42 5.63 17.27
N ARG D 220 3.70 5.90 17.04
CA ARG D 220 4.19 7.28 17.04
C ARG D 220 3.58 8.09 15.89
N ILE D 221 3.47 7.52 14.69
CA ILE D 221 2.97 8.32 13.58
C ILE D 221 1.52 8.70 13.82
N VAL D 222 0.70 7.76 14.30
CA VAL D 222 -0.70 8.05 14.57
C VAL D 222 -0.84 9.07 15.69
N ASP D 223 -0.01 8.95 16.73
CA ASP D 223 -0.04 9.92 17.82
C ASP D 223 0.37 11.30 17.35
N ILE D 224 1.41 11.37 16.50
CA ILE D 224 1.88 12.67 16.02
C ILE D 224 0.82 13.33 15.13
N ILE D 225 0.21 12.56 14.23
CA ILE D 225 -0.74 13.12 13.29
C ILE D 225 -2.03 13.52 14.00
N ALA D 226 -2.54 12.67 14.89
CA ALA D 226 -3.77 13.01 15.61
C ALA D 226 -3.60 14.28 16.43
N THR D 227 -2.43 14.45 17.05
CA THR D 227 -2.18 15.67 17.82
C THR D 227 -2.13 16.88 16.91
N ASP D 228 -1.78 16.70 15.65
CA ASP D 228 -1.71 17.80 14.68
C ASP D 228 -3.07 18.12 14.06
N ILE D 229 -4.08 17.29 14.27
CA ILE D 229 -5.44 17.59 13.82
C ILE D 229 -5.97 18.80 14.57
#